data_4Y2P
#
_entry.id   4Y2P
#
_cell.length_a   93.059
_cell.length_b   93.059
_cell.length_c   244.652
_cell.angle_alpha   90.00
_cell.angle_beta   90.00
_cell.angle_gamma   120.00
#
_symmetry.space_group_name_H-M   'P 65 2 2'
#
loop_
_entity.id
_entity.type
_entity.pdbx_description
1 polymer 'Bifunctional epoxide hydrolase 2'
2 non-polymer 'MAGNESIUM ION'
3 non-polymer N-methyl-1-[3-(pyridin-3-yl)phenyl]methanamine
4 water water
#
_entity_poly.entity_id   1
_entity_poly.type   'polypeptide(L)'
_entity_poly.pdbx_seq_one_letter_code
;MTLRAAVFDLDGVLALPAVFGVLGRTEEALALPRGLLNDAFQKGGPEGATTRLMKGEITLSQWIPLMEENCRKCSETAKV
CLPKNFSIKEIFDKAISARKINRPMLQAALMLRKKGFTTAILTNTWLDDRAERDGLAQLMCELKMHFDFLIESCQVGMVK
PEPQIYKFLLDTLKASPSEVVFLDDIGANLKPARDLGMVTILVQDTDTALKELEKVTGIQLLNTPAPLPTSCNPSDMSHG
YVTVKPRVRLHFVELGSGPAVCLCHGFPESWYSWRYQIPALAQAGYRVLAMDMKGYGESSAPPEIEEYCMEVLCKEMVTF
LDKLGLSQAVFIGHDWGGMLVWYMALFYPERVRAVASLNTPFIPANPNMSPLESIKANPVFDYQLYFQEPGVAEAELEQN
LSRTFKSLFRASDESVLSMHKVCEAGGLFVNSPEEPSLSRMVTEEEIQFYVQQFKKSGFRGPLNWYRNMERNWKWACKSL
GRKILIPALMVTAEKDFVLVPQMSQHMEDWIPHLKRGHIEDCGHWTQMDKPTEVNQILIKWLDSDARNPPVVSKMHHHHH
H
;
_entity_poly.pdbx_strand_id   A
#
loop_
_chem_comp.id
_chem_comp.type
_chem_comp.name
_chem_comp.formula
3C5 non-polymer N-methyl-1-[3-(pyridin-3-yl)phenyl]methanamine 'C13 H14 N2'
MG non-polymer 'MAGNESIUM ION' 'Mg 2'
#
# COMPACT_ATOMS: atom_id res chain seq x y z
N THR A 2 -14.15 -1.93 -29.88
CA THR A 2 -15.43 -1.25 -29.51
C THR A 2 -15.48 -0.60 -28.10
N LEU A 3 -15.71 -1.39 -27.02
CA LEU A 3 -15.79 -0.81 -25.69
C LEU A 3 -14.45 -0.29 -25.21
N ARG A 4 -14.43 0.91 -24.66
CA ARG A 4 -13.21 1.52 -24.16
C ARG A 4 -13.42 2.03 -22.73
N ALA A 5 -14.63 1.91 -22.17
CA ALA A 5 -14.82 2.58 -20.91
C ALA A 5 -15.77 1.84 -20.06
N ALA A 6 -15.53 1.81 -18.76
CA ALA A 6 -16.44 1.06 -17.91
C ALA A 6 -16.83 1.94 -16.71
N VAL A 7 -18.11 1.98 -16.40
CA VAL A 7 -18.61 2.91 -15.37
C VAL A 7 -19.35 2.11 -14.34
N PHE A 8 -19.02 2.30 -13.07
CA PHE A 8 -19.64 1.51 -12.01
C PHE A 8 -20.31 2.40 -11.03
N ASP A 9 -21.43 1.94 -10.50
CA ASP A 9 -22.04 2.64 -9.37
C ASP A 9 -21.34 2.22 -8.06
N LEU A 10 -21.58 2.97 -7.00
CA LEU A 10 -20.99 2.71 -5.69
C LEU A 10 -21.94 1.79 -4.92
N ASP A 11 -23.06 2.31 -4.47
CA ASP A 11 -24.06 1.44 -3.79
C ASP A 11 -24.51 0.20 -4.61
N GLY A 12 -24.33 -1.00 -4.07
CA GLY A 12 -24.83 -2.19 -4.74
C GLY A 12 -23.99 -2.69 -5.90
N VAL A 13 -22.91 -2.00 -6.27
CA VAL A 13 -22.08 -2.46 -7.37
C VAL A 13 -20.66 -2.53 -6.79
N LEU A 14 -20.01 -1.40 -6.52
CA LEU A 14 -18.60 -1.44 -5.96
C LEU A 14 -18.60 -1.63 -4.44
N ALA A 15 -19.75 -1.35 -3.81
CA ALA A 15 -19.86 -1.46 -2.37
C ALA A 15 -21.13 -2.19 -1.95
N LEU A 16 -21.03 -3.10 -0.94
CA LEU A 16 -22.16 -3.94 -0.47
C LEU A 16 -22.08 -4.17 1.03
N PRO A 17 -23.23 -4.45 1.70
CA PRO A 17 -24.60 -4.37 1.22
C PRO A 17 -24.88 -2.94 0.86
N ALA A 18 -25.76 -2.71 -0.14
CA ALA A 18 -26.24 -1.39 -0.54
C ALA A 18 -26.87 -0.66 0.63
N VAL A 19 -26.55 0.63 0.86
CA VAL A 19 -27.25 1.33 1.97
C VAL A 19 -28.76 1.51 1.66
N PHE A 20 -29.10 1.71 0.38
CA PHE A 20 -30.52 1.69 -0.04
C PHE A 20 -31.31 0.53 0.61
N GLY A 21 -30.63 -0.63 0.76
CA GLY A 21 -31.21 -1.93 1.12
C GLY A 21 -31.58 -2.05 2.56
N VAL A 22 -31.08 -1.13 3.39
CA VAL A 22 -31.40 -1.14 4.80
C VAL A 22 -32.83 -0.70 5.09
N LEU A 23 -33.47 -0.03 4.14
CA LEU A 23 -34.89 0.28 4.31
C LEU A 23 -35.68 -1.03 4.34
N GLY A 24 -35.39 -1.92 3.38
CA GLY A 24 -36.03 -3.25 3.28
C GLY A 24 -35.81 -4.08 4.54
N ARG A 25 -34.53 -4.19 4.93
CA ARG A 25 -34.13 -5.02 6.05
C ARG A 25 -34.80 -4.48 7.33
N THR A 26 -34.74 -3.18 7.51
CA THR A 26 -35.37 -2.52 8.67
C THR A 26 -36.89 -2.79 8.77
N GLU A 27 -37.64 -2.62 7.67
CA GLU A 27 -39.08 -2.95 7.67
C GLU A 27 -39.25 -4.42 8.16
N GLU A 28 -38.50 -5.33 7.57
CA GLU A 28 -38.57 -6.77 7.91
C GLU A 28 -38.26 -7.00 9.37
N ALA A 29 -37.08 -6.52 9.81
CA ALA A 29 -36.66 -6.62 11.22
C ALA A 29 -37.70 -6.03 12.18
N LEU A 30 -38.35 -4.93 11.80
CA LEU A 30 -39.30 -4.28 12.72
C LEU A 30 -40.76 -4.62 12.49
N ALA A 31 -41.05 -5.49 11.52
CA ALA A 31 -42.48 -5.85 11.21
C ALA A 31 -43.28 -4.59 10.79
N LEU A 32 -42.67 -3.69 10.05
CA LEU A 32 -43.43 -2.54 9.56
C LEU A 32 -44.13 -2.95 8.27
N PRO A 33 -45.19 -2.21 7.85
CA PRO A 33 -45.76 -2.38 6.49
C PRO A 33 -44.71 -2.38 5.40
N ARG A 34 -44.76 -3.39 4.51
CA ARG A 34 -43.72 -3.59 3.50
C ARG A 34 -43.64 -2.32 2.67
N GLY A 35 -42.41 -1.89 2.37
CA GLY A 35 -42.21 -0.66 1.60
C GLY A 35 -42.46 0.68 2.29
N LEU A 36 -42.91 0.70 3.55
CA LEU A 36 -43.11 1.98 4.27
C LEU A 36 -41.84 2.94 4.24
N LEU A 37 -40.67 2.39 4.48
CA LEU A 37 -39.46 3.16 4.61
C LEU A 37 -38.99 3.60 3.25
N ASN A 38 -39.18 2.75 2.25
CA ASN A 38 -38.91 3.16 0.88
C ASN A 38 -39.83 4.27 0.43
N ASP A 39 -41.10 4.19 0.81
CA ASP A 39 -42.08 5.23 0.45
C ASP A 39 -41.63 6.57 1.03
N ALA A 40 -41.30 6.55 2.30
CA ALA A 40 -40.78 7.76 2.98
C ALA A 40 -39.48 8.23 2.32
N PHE A 41 -38.60 7.30 1.94
CA PHE A 41 -37.31 7.71 1.39
C PHE A 41 -37.53 8.46 0.07
N GLN A 42 -38.48 7.96 -0.72
CA GLN A 42 -38.76 8.50 -2.04
C GLN A 42 -39.82 9.62 -2.04
N LYS A 43 -40.39 9.96 -0.90
CA LYS A 43 -41.49 10.91 -0.90
C LYS A 43 -41.22 12.22 -1.70
N GLY A 44 -42.17 12.70 -2.52
CA GLY A 44 -42.00 13.95 -3.24
C GLY A 44 -41.27 13.75 -4.56
N GLY A 45 -40.62 12.60 -4.72
CA GLY A 45 -39.85 12.33 -5.94
C GLY A 45 -38.83 13.43 -6.23
N PRO A 46 -38.77 13.92 -7.49
CA PRO A 46 -37.75 14.93 -7.93
C PRO A 46 -37.74 16.21 -7.10
N GLU A 47 -38.84 16.54 -6.43
CA GLU A 47 -38.80 17.65 -5.47
C GLU A 47 -38.77 17.28 -3.97
N GLY A 48 -38.69 15.99 -3.62
CA GLY A 48 -38.66 15.64 -2.17
C GLY A 48 -37.28 15.78 -1.52
N ALA A 49 -37.23 15.60 -0.21
CA ALA A 49 -35.98 15.77 0.52
C ALA A 49 -34.80 14.98 -0.08
N THR A 50 -35.07 13.77 -0.58
CA THR A 50 -33.97 12.89 -0.88
C THR A 50 -33.25 13.36 -2.10
N THR A 51 -34.02 13.90 -3.06
CA THR A 51 -33.44 14.43 -4.29
C THR A 51 -32.62 15.69 -4.02
N ARG A 52 -33.12 16.54 -3.15
CA ARG A 52 -32.33 17.72 -2.76
C ARG A 52 -30.97 17.28 -2.09
N LEU A 53 -31.01 16.29 -1.23
CA LEU A 53 -29.81 15.69 -0.69
C LEU A 53 -28.83 15.19 -1.75
N MET A 54 -29.34 14.40 -2.69
CA MET A 54 -28.53 13.77 -3.71
C MET A 54 -27.92 14.79 -4.67
N LYS A 55 -28.60 15.93 -4.82
CA LYS A 55 -28.08 17.03 -5.64
C LYS A 55 -27.13 18.02 -4.88
N GLY A 56 -26.95 17.81 -3.59
CA GLY A 56 -25.98 18.57 -2.86
C GLY A 56 -26.66 19.82 -2.32
N GLU A 57 -27.99 19.94 -2.37
CA GLU A 57 -28.64 21.17 -1.86
C GLU A 57 -28.62 21.29 -0.41
N ILE A 58 -28.72 20.16 0.28
CA ILE A 58 -28.68 20.11 1.72
C ILE A 58 -27.72 18.96 2.05
N THR A 59 -27.25 18.91 3.29
CA THR A 59 -26.36 17.88 3.77
C THR A 59 -27.15 16.71 4.39
N LEU A 60 -26.43 15.62 4.68
CA LEU A 60 -27.04 14.44 5.27
C LEU A 60 -27.67 14.75 6.61
N SER A 61 -26.98 15.55 7.45
CA SER A 61 -27.57 15.87 8.74
C SER A 61 -28.80 16.73 8.65
N GLN A 62 -28.87 17.61 7.67
CA GLN A 62 -30.10 18.37 7.49
C GLN A 62 -31.24 17.41 6.96
N TRP A 63 -30.87 16.35 6.20
CA TRP A 63 -31.92 15.50 5.60
C TRP A 63 -32.55 14.58 6.63
N ILE A 64 -31.77 14.15 7.61
CA ILE A 64 -32.22 13.16 8.60
C ILE A 64 -33.59 13.51 9.20
N PRO A 65 -33.79 14.76 9.68
CA PRO A 65 -35.12 15.01 10.25
C PRO A 65 -36.23 15.18 9.21
N LEU A 66 -35.90 15.53 7.95
CA LEU A 66 -36.87 15.45 6.87
C LEU A 66 -37.34 14.02 6.63
N MET A 67 -36.43 13.07 6.45
CA MET A 67 -36.80 11.65 6.31
C MET A 67 -37.68 11.18 7.48
N GLU A 68 -37.34 11.60 8.70
CA GLU A 68 -38.06 11.28 9.92
C GLU A 68 -39.53 11.71 9.76
N GLU A 69 -39.72 12.95 9.30
CA GLU A 69 -41.04 13.50 9.08
C GLU A 69 -41.72 12.65 8.03
N ASN A 70 -41.03 12.42 6.94
CA ASN A 70 -41.57 11.58 5.91
C ASN A 70 -42.07 10.20 6.44
N CYS A 71 -41.37 9.66 7.45
CA CYS A 71 -41.59 8.30 7.95
C CYS A 71 -42.85 8.25 8.75
N ARG A 72 -43.04 9.30 9.54
CA ARG A 72 -44.29 9.64 10.22
C ARG A 72 -45.47 9.78 9.21
N LYS A 73 -45.34 10.65 8.21
CA LYS A 73 -46.43 10.82 7.24
C LYS A 73 -46.88 9.51 6.53
N CYS A 74 -45.90 8.69 6.13
CA CYS A 74 -46.18 7.41 5.45
C CYS A 74 -46.95 6.45 6.37
N SER A 75 -46.53 6.42 7.65
CA SER A 75 -47.11 5.55 8.69
C SER A 75 -48.53 5.99 9.10
N GLU A 76 -48.76 7.30 9.14
CA GLU A 76 -50.12 7.86 9.34
C GLU A 76 -51.09 7.44 8.19
N THR A 77 -50.72 7.68 6.92
CA THR A 77 -51.61 7.30 5.78
C THR A 77 -51.80 5.75 5.61
N ALA A 78 -50.80 4.96 6.04
CA ALA A 78 -50.93 3.49 6.15
C ALA A 78 -51.53 2.99 7.49
N LYS A 79 -51.99 3.93 8.34
CA LYS A 79 -52.60 3.65 9.65
C LYS A 79 -51.76 2.69 10.56
N VAL A 80 -50.46 2.93 10.67
CA VAL A 80 -49.61 2.25 11.69
C VAL A 80 -48.83 3.24 12.56
N CYS A 81 -48.15 2.68 13.56
CA CYS A 81 -47.17 3.40 14.39
C CYS A 81 -45.75 2.93 14.11
N LEU A 82 -44.79 3.84 14.28
CA LEU A 82 -43.37 3.51 14.29
C LEU A 82 -42.98 3.07 15.73
N PRO A 83 -42.04 2.09 15.88
CA PRO A 83 -41.60 1.62 17.21
C PRO A 83 -41.03 2.71 18.10
N LYS A 84 -41.25 2.64 19.41
CA LYS A 84 -40.56 3.54 20.34
C LYS A 84 -39.06 3.40 20.07
N ASN A 85 -38.38 4.55 20.01
CA ASN A 85 -36.93 4.59 19.75
C ASN A 85 -36.47 4.33 18.30
N PHE A 86 -37.42 4.19 17.37
CA PHE A 86 -37.11 4.20 15.94
C PHE A 86 -36.21 5.41 15.60
N SER A 87 -35.04 5.14 14.99
CA SER A 87 -34.06 6.20 14.72
C SER A 87 -33.43 6.14 13.32
N ILE A 88 -33.77 7.11 12.49
CA ILE A 88 -33.22 7.20 11.15
C ILE A 88 -31.72 7.38 11.20
N LYS A 89 -31.25 8.22 12.12
CA LYS A 89 -29.81 8.43 12.25
C LYS A 89 -29.18 7.10 12.52
N GLU A 90 -29.73 6.36 13.49
CA GLU A 90 -29.12 5.06 13.87
C GLU A 90 -29.11 4.07 12.72
N ILE A 91 -30.25 3.95 12.07
CA ILE A 91 -30.39 3.01 10.93
C ILE A 91 -29.32 3.32 9.86
N PHE A 92 -29.12 4.62 9.59
CA PHE A 92 -28.18 5.01 8.52
C PHE A 92 -26.72 4.93 8.95
N ASP A 93 -26.41 5.26 10.21
CA ASP A 93 -25.05 5.10 10.70
C ASP A 93 -24.62 3.65 10.50
N LYS A 94 -25.47 2.77 11.04
CA LYS A 94 -25.27 1.32 10.93
C LYS A 94 -25.16 0.87 9.48
N ALA A 95 -26.07 1.29 8.60
CA ALA A 95 -25.96 0.81 7.21
C ALA A 95 -24.69 1.35 6.47
N ILE A 96 -24.33 2.62 6.73
CA ILE A 96 -23.17 3.18 6.02
C ILE A 96 -21.90 2.50 6.50
N SER A 97 -21.79 2.21 7.80
CA SER A 97 -20.62 1.39 8.24
C SER A 97 -20.64 -0.09 7.85
N ALA A 98 -21.82 -0.72 7.67
CA ALA A 98 -21.86 -2.10 7.20
C ALA A 98 -21.34 -2.20 5.77
N ARG A 99 -21.48 -1.14 4.98
CA ARG A 99 -21.23 -1.27 3.55
C ARG A 99 -19.69 -1.32 3.24
N LYS A 100 -19.20 -2.32 2.51
CA LYS A 100 -17.77 -2.54 2.33
C LYS A 100 -17.56 -2.62 0.87
N ILE A 101 -16.30 -2.46 0.46
CA ILE A 101 -15.89 -2.62 -0.91
C ILE A 101 -16.20 -4.07 -1.29
N ASN A 102 -16.82 -4.18 -2.44
CA ASN A 102 -17.12 -5.46 -3.06
C ASN A 102 -15.88 -5.85 -3.85
N ARG A 103 -15.01 -6.60 -3.21
CA ARG A 103 -13.66 -6.83 -3.75
C ARG A 103 -13.65 -7.43 -5.17
N PRO A 104 -14.50 -8.46 -5.47
CA PRO A 104 -14.39 -8.94 -6.85
C PRO A 104 -14.80 -7.90 -7.94
N MET A 105 -15.71 -7.01 -7.62
CA MET A 105 -16.08 -5.99 -8.59
C MET A 105 -14.95 -4.97 -8.73
N LEU A 106 -14.40 -4.52 -7.61
CA LEU A 106 -13.19 -3.67 -7.71
C LEU A 106 -12.11 -4.36 -8.53
N GLN A 107 -11.83 -5.64 -8.26
CA GLN A 107 -10.71 -6.24 -9.02
C GLN A 107 -11.01 -6.33 -10.53
N ALA A 108 -12.29 -6.54 -10.91
CA ALA A 108 -12.67 -6.44 -12.36
C ALA A 108 -12.37 -5.06 -12.91
N ALA A 109 -12.75 -4.02 -12.17
CA ALA A 109 -12.52 -2.62 -12.67
C ALA A 109 -11.03 -2.38 -12.89
N LEU A 110 -10.24 -2.76 -11.88
CA LEU A 110 -8.76 -2.72 -11.94
C LEU A 110 -8.20 -3.44 -13.18
N MET A 111 -8.68 -4.65 -13.42
CA MET A 111 -8.18 -5.43 -14.55
C MET A 111 -8.54 -4.75 -15.88
N LEU A 112 -9.78 -4.25 -15.99
CA LEU A 112 -10.18 -3.51 -17.23
C LEU A 112 -9.36 -2.27 -17.40
N ARG A 113 -9.09 -1.58 -16.30
CA ARG A 113 -8.21 -0.42 -16.36
C ARG A 113 -6.81 -0.83 -16.82
N LYS A 114 -6.30 -1.96 -16.29
CA LYS A 114 -5.03 -2.49 -16.77
C LYS A 114 -5.08 -2.88 -18.24
N LYS A 115 -6.19 -3.32 -18.78
CA LYS A 115 -6.20 -3.53 -20.25
C LYS A 115 -6.56 -2.30 -21.07
N GLY A 116 -6.43 -1.11 -20.51
CA GLY A 116 -6.69 0.06 -21.32
C GLY A 116 -8.03 0.75 -21.20
N PHE A 117 -8.98 0.25 -20.41
CA PHE A 117 -10.28 0.93 -20.26
C PHE A 117 -10.14 2.22 -19.49
N THR A 118 -10.97 3.21 -19.81
CA THR A 118 -11.08 4.31 -18.90
C THR A 118 -12.15 3.92 -17.93
N THR A 119 -11.92 4.08 -16.61
CA THR A 119 -12.94 3.62 -15.64
C THR A 119 -13.50 4.79 -14.83
N ALA A 120 -14.74 4.70 -14.38
CA ALA A 120 -15.32 5.78 -13.57
C ALA A 120 -16.30 5.24 -12.63
N ILE A 121 -16.51 5.99 -11.57
CA ILE A 121 -17.57 5.72 -10.64
C ILE A 121 -18.56 6.87 -10.88
N LEU A 122 -19.83 6.52 -11.08
CA LEU A 122 -20.89 7.51 -11.17
C LEU A 122 -21.87 7.11 -10.05
N THR A 123 -22.10 8.01 -9.11
CA THR A 123 -22.95 7.67 -8.00
C THR A 123 -23.85 8.80 -7.54
N ASN A 124 -25.07 8.45 -7.15
CA ASN A 124 -25.91 9.37 -6.42
C ASN A 124 -25.48 9.24 -4.99
N THR A 125 -24.92 10.30 -4.38
CA THR A 125 -24.51 10.25 -3.00
C THR A 125 -24.70 11.65 -2.36
N TRP A 126 -24.30 11.81 -1.10
CA TRP A 126 -24.71 12.98 -0.34
C TRP A 126 -23.49 13.63 0.27
N LEU A 127 -23.68 14.87 0.74
CA LEU A 127 -22.68 15.54 1.53
C LEU A 127 -22.77 15.08 2.98
N ASP A 128 -21.75 14.36 3.43
CA ASP A 128 -21.87 13.67 4.72
C ASP A 128 -21.21 14.50 5.81
N ASP A 129 -22.02 15.09 6.72
CA ASP A 129 -21.49 15.87 7.85
C ASP A 129 -21.77 15.23 9.21
N ARG A 130 -22.03 13.92 9.23
CA ARG A 130 -22.35 13.18 10.49
C ARG A 130 -21.10 13.12 11.29
N ALA A 131 -21.25 13.00 12.61
CA ALA A 131 -20.11 12.67 13.49
C ALA A 131 -19.24 11.48 12.94
N GLU A 132 -19.86 10.48 12.32
CA GLU A 132 -19.12 9.32 11.85
C GLU A 132 -18.72 9.38 10.35
N ARG A 133 -18.80 10.57 9.70
CA ARG A 133 -18.49 10.69 8.26
C ARG A 133 -17.14 10.11 7.81
N ASP A 134 -16.18 10.09 8.72
CA ASP A 134 -14.82 9.63 8.38
C ASP A 134 -14.82 8.22 7.79
N GLY A 135 -15.73 7.38 8.24
CA GLY A 135 -15.83 5.98 7.72
C GLY A 135 -16.15 6.00 6.22
N LEU A 136 -17.08 6.82 5.82
CA LEU A 136 -17.37 6.99 4.40
C LEU A 136 -16.18 7.66 3.66
N ALA A 137 -15.56 8.69 4.27
CA ALA A 137 -14.40 9.35 3.63
C ALA A 137 -13.30 8.28 3.33
N GLN A 138 -13.06 7.41 4.31
CA GLN A 138 -12.06 6.37 4.09
C GLN A 138 -12.42 5.40 2.92
N LEU A 139 -13.67 4.95 2.88
CA LEU A 139 -14.14 4.08 1.80
C LEU A 139 -13.91 4.76 0.48
N MET A 140 -14.39 6.00 0.35
CA MET A 140 -14.22 6.75 -0.95
C MET A 140 -12.76 6.89 -1.30
N CYS A 141 -11.91 7.27 -0.33
CA CYS A 141 -10.44 7.34 -0.63
C CYS A 141 -9.90 6.08 -1.12
N GLU A 142 -10.24 4.98 -0.47
CA GLU A 142 -9.68 3.70 -0.92
C GLU A 142 -10.16 3.37 -2.34
N LEU A 143 -11.46 3.48 -2.61
CA LEU A 143 -11.89 3.17 -3.98
C LEU A 143 -11.39 4.09 -5.07
N LYS A 144 -11.42 5.41 -4.82
CA LYS A 144 -11.29 6.39 -5.93
C LYS A 144 -9.92 6.40 -6.55
N MET A 145 -8.87 6.04 -5.78
CA MET A 145 -7.50 6.03 -6.37
C MET A 145 -7.44 5.01 -7.50
N HIS A 146 -8.41 4.09 -7.58
CA HIS A 146 -8.33 3.02 -8.64
C HIS A 146 -9.08 3.34 -9.93
N PHE A 147 -9.64 4.52 -10.00
CA PHE A 147 -10.50 4.91 -11.17
C PHE A 147 -10.04 6.20 -11.85
N ASP A 148 -10.33 6.38 -13.14
CA ASP A 148 -10.01 7.65 -13.82
C ASP A 148 -10.87 8.79 -13.37
N PHE A 149 -12.14 8.55 -13.08
CA PHE A 149 -13.02 9.65 -12.66
C PHE A 149 -13.97 9.15 -11.58
N LEU A 150 -14.35 10.05 -10.71
CA LEU A 150 -15.36 9.80 -9.73
C LEU A 150 -16.33 10.96 -9.94
N ILE A 151 -17.57 10.65 -10.30
CA ILE A 151 -18.57 11.65 -10.54
C ILE A 151 -19.62 11.45 -9.47
N GLU A 152 -19.79 12.43 -8.59
CA GLU A 152 -20.78 12.37 -7.49
C GLU A 152 -21.95 13.31 -7.68
N SER A 153 -23.18 12.77 -7.56
CA SER A 153 -24.36 13.58 -7.79
C SER A 153 -24.30 14.83 -6.95
N CYS A 154 -23.91 14.72 -5.68
CA CYS A 154 -23.99 15.92 -4.87
C CYS A 154 -22.92 17.01 -5.20
N GLN A 155 -21.89 16.66 -5.99
CA GLN A 155 -20.87 17.61 -6.37
C GLN A 155 -21.27 18.25 -7.69
N VAL A 156 -21.98 17.50 -8.56
CA VAL A 156 -22.32 18.02 -9.87
C VAL A 156 -23.71 18.61 -9.97
N GLY A 157 -24.55 18.50 -8.93
CA GLY A 157 -25.88 19.06 -8.93
C GLY A 157 -26.91 18.36 -9.82
N MET A 158 -26.65 17.10 -10.20
CA MET A 158 -27.51 16.32 -11.13
C MET A 158 -27.60 14.93 -10.50
N VAL A 159 -28.62 14.11 -10.81
CA VAL A 159 -28.77 12.75 -10.17
C VAL A 159 -29.16 11.80 -11.28
N LYS A 160 -28.75 10.52 -11.21
CA LYS A 160 -29.44 9.48 -12.02
C LYS A 160 -30.91 9.43 -11.53
N PRO A 161 -31.89 9.19 -12.43
CA PRO A 161 -31.82 8.96 -13.88
C PRO A 161 -31.90 10.19 -14.81
N GLU A 162 -31.60 11.40 -14.33
CA GLU A 162 -31.82 12.59 -15.16
C GLU A 162 -30.88 12.49 -16.32
N PRO A 163 -31.34 12.88 -17.52
CA PRO A 163 -30.52 12.57 -18.70
C PRO A 163 -29.20 13.39 -18.75
N GLN A 164 -29.20 14.56 -18.11
CA GLN A 164 -28.04 15.45 -18.11
C GLN A 164 -26.81 14.80 -17.47
N ILE A 165 -27.01 14.08 -16.36
CA ILE A 165 -25.89 13.34 -15.73
C ILE A 165 -25.16 12.36 -16.69
N TYR A 166 -25.90 11.72 -17.62
CA TYR A 166 -25.28 10.80 -18.56
C TYR A 166 -24.53 11.56 -19.59
N LYS A 167 -25.10 12.71 -20.01
CA LYS A 167 -24.37 13.49 -21.00
C LYS A 167 -23.11 14.02 -20.33
N PHE A 168 -23.25 14.46 -19.09
CA PHE A 168 -22.07 14.88 -18.33
C PHE A 168 -21.00 13.76 -18.24
N LEU A 169 -21.42 12.56 -17.85
CA LEU A 169 -20.54 11.34 -17.94
C LEU A 169 -19.77 11.23 -19.25
N LEU A 170 -20.54 11.22 -20.35
CA LEU A 170 -19.97 10.99 -21.67
C LEU A 170 -18.91 12.04 -21.99
N ASP A 171 -19.27 13.28 -21.63
CA ASP A 171 -18.39 14.36 -21.88
C ASP A 171 -17.17 14.17 -21.01
N THR A 172 -17.34 13.77 -19.74
CA THR A 172 -16.14 13.47 -18.87
C THR A 172 -15.22 12.40 -19.44
N LEU A 173 -15.82 11.37 -20.01
CA LEU A 173 -15.10 10.21 -20.52
C LEU A 173 -14.49 10.49 -21.87
N LYS A 174 -14.87 11.58 -22.54
CA LYS A 174 -14.32 11.83 -23.89
C LYS A 174 -14.52 10.57 -24.73
N ALA A 175 -15.76 10.04 -24.67
CA ALA A 175 -16.14 8.77 -25.28
C ALA A 175 -17.54 8.83 -25.89
N SER A 176 -17.78 8.17 -27.01
CA SER A 176 -19.19 8.09 -27.51
C SER A 176 -19.86 6.96 -26.77
N PRO A 177 -21.20 6.97 -26.70
CA PRO A 177 -21.89 6.06 -25.81
C PRO A 177 -21.72 4.58 -26.12
N SER A 178 -21.52 4.26 -27.40
CA SER A 178 -21.39 2.89 -27.80
C SER A 178 -20.03 2.30 -27.39
N GLU A 179 -19.10 3.16 -26.96
CA GLU A 179 -17.83 2.67 -26.40
C GLU A 179 -17.89 2.39 -24.86
N VAL A 180 -19.07 2.56 -24.28
CA VAL A 180 -19.22 2.51 -22.85
C VAL A 180 -20.11 1.40 -22.32
N VAL A 181 -19.61 0.71 -21.27
CA VAL A 181 -20.45 -0.19 -20.50
C VAL A 181 -20.72 0.35 -19.10
N PHE A 182 -21.98 0.33 -18.74
CA PHE A 182 -22.39 0.95 -17.53
C PHE A 182 -23.07 -0.10 -16.64
N LEU A 183 -22.68 -0.18 -15.36
CA LEU A 183 -23.28 -1.17 -14.46
C LEU A 183 -23.95 -0.52 -13.30
N ASP A 184 -25.15 -0.98 -12.99
CA ASP A 184 -25.95 -0.34 -11.94
C ASP A 184 -26.84 -1.42 -11.37
N ASP A 185 -27.24 -1.29 -10.13
CA ASP A 185 -28.18 -2.31 -9.60
C ASP A 185 -29.66 -1.84 -9.68
N ILE A 186 -29.91 -0.64 -10.25
CA ILE A 186 -31.28 -0.07 -10.36
C ILE A 186 -31.61 0.09 -11.82
N GLY A 187 -32.59 -0.67 -12.28
CA GLY A 187 -32.88 -0.69 -13.74
C GLY A 187 -33.29 0.69 -14.27
N ALA A 188 -33.99 1.46 -13.44
CA ALA A 188 -34.41 2.81 -13.89
C ALA A 188 -33.15 3.63 -14.17
N ASN A 189 -32.05 3.35 -13.43
CA ASN A 189 -30.80 4.13 -13.66
C ASN A 189 -30.03 3.78 -14.85
N LEU A 190 -30.34 2.61 -15.40
CA LEU A 190 -29.67 2.06 -16.59
C LEU A 190 -30.31 2.54 -17.87
N LYS A 191 -31.64 2.65 -17.81
CA LYS A 191 -32.48 3.06 -18.93
C LYS A 191 -31.93 4.29 -19.67
N PRO A 192 -31.65 5.42 -18.97
CA PRO A 192 -31.16 6.51 -19.89
C PRO A 192 -29.82 6.16 -20.57
N ALA A 193 -29.01 5.29 -19.92
CA ALA A 193 -27.72 4.94 -20.54
C ALA A 193 -27.99 4.10 -21.77
N ARG A 194 -28.85 3.11 -21.59
CA ARG A 194 -29.27 2.28 -22.74
C ARG A 194 -29.93 3.15 -23.90
N ASP A 195 -30.88 4.06 -23.59
CA ASP A 195 -31.43 5.03 -24.65
C ASP A 195 -30.36 5.69 -25.50
N LEU A 196 -29.17 5.91 -24.95
CA LEU A 196 -28.05 6.52 -25.66
C LEU A 196 -27.19 5.48 -26.38
N GLY A 197 -27.53 4.19 -26.18
CA GLY A 197 -26.80 3.09 -26.82
C GLY A 197 -25.54 2.63 -26.09
N MET A 198 -25.47 2.94 -24.81
CA MET A 198 -24.47 2.30 -23.94
C MET A 198 -24.85 0.83 -23.71
N VAL A 199 -23.83 -0.04 -23.62
CA VAL A 199 -24.02 -1.37 -23.06
C VAL A 199 -24.31 -1.21 -21.60
N THR A 200 -25.31 -1.92 -21.08
CA THR A 200 -25.60 -1.69 -19.69
C THR A 200 -25.61 -3.07 -19.04
N ILE A 201 -25.39 -3.15 -17.75
CA ILE A 201 -25.52 -4.47 -17.08
C ILE A 201 -26.28 -4.17 -15.83
N LEU A 202 -27.34 -4.92 -15.59
CA LEU A 202 -28.11 -4.84 -14.39
C LEU A 202 -27.46 -5.75 -13.33
N VAL A 203 -26.98 -5.18 -12.21
CA VAL A 203 -26.21 -5.93 -11.22
C VAL A 203 -27.13 -6.43 -10.11
N GLN A 204 -27.38 -7.74 -10.07
CA GLN A 204 -27.98 -8.31 -8.84
C GLN A 204 -26.86 -8.99 -8.08
N ASP A 205 -26.68 -10.31 -8.19
CA ASP A 205 -25.43 -10.94 -7.68
C ASP A 205 -24.19 -10.55 -8.50
N THR A 206 -23.06 -10.37 -7.81
CA THR A 206 -21.84 -9.96 -8.45
C THR A 206 -21.35 -10.90 -9.57
N ASP A 207 -21.31 -12.22 -9.34
CA ASP A 207 -20.72 -13.18 -10.35
C ASP A 207 -21.43 -13.09 -11.67
N THR A 208 -22.74 -12.99 -11.66
CA THR A 208 -23.49 -12.95 -12.94
C THR A 208 -23.22 -11.67 -13.70
N ALA A 209 -23.23 -10.56 -12.97
CA ALA A 209 -22.84 -9.26 -13.57
C ALA A 209 -21.45 -9.39 -14.22
N LEU A 210 -20.50 -10.04 -13.51
CA LEU A 210 -19.12 -10.15 -14.02
C LEU A 210 -19.06 -11.07 -15.22
N LYS A 211 -19.99 -12.03 -15.28
CA LYS A 211 -20.01 -12.90 -16.46
C LYS A 211 -20.47 -12.12 -17.66
N GLU A 212 -21.52 -11.33 -17.44
CA GLU A 212 -22.00 -10.45 -18.58
C GLU A 212 -20.85 -9.49 -18.95
N LEU A 213 -20.10 -9.00 -17.95
CA LEU A 213 -19.07 -7.98 -18.19
C LEU A 213 -17.93 -8.58 -18.98
N GLU A 214 -17.63 -9.84 -18.67
CA GLU A 214 -16.57 -10.57 -19.34
C GLU A 214 -16.96 -10.80 -20.78
N LYS A 215 -18.21 -11.22 -20.96
CA LYS A 215 -18.71 -11.56 -22.30
C LYS A 215 -18.67 -10.34 -23.18
N VAL A 216 -19.19 -9.22 -22.69
CA VAL A 216 -19.31 -8.05 -23.53
C VAL A 216 -17.98 -7.37 -23.78
N THR A 217 -17.01 -7.43 -22.85
CA THR A 217 -15.71 -6.80 -23.06
C THR A 217 -14.68 -7.73 -23.70
N GLY A 218 -14.94 -9.04 -23.62
CA GLY A 218 -14.04 -10.03 -24.20
C GLY A 218 -12.81 -10.22 -23.35
N ILE A 219 -12.85 -9.75 -22.09
CA ILE A 219 -11.65 -9.83 -21.17
C ILE A 219 -11.91 -10.79 -20.00
N GLN A 220 -10.94 -11.62 -19.63
CA GLN A 220 -11.22 -12.48 -18.48
C GLN A 220 -11.22 -11.74 -17.15
N LEU A 221 -12.35 -11.81 -16.44
CA LEU A 221 -12.49 -11.09 -15.19
C LEU A 221 -12.74 -12.04 -14.02
N LEU A 222 -13.36 -13.18 -14.30
CA LEU A 222 -13.69 -14.12 -13.24
C LEU A 222 -12.64 -15.22 -13.13
N ASN A 223 -12.42 -15.72 -11.92
CA ASN A 223 -11.52 -16.95 -11.77
C ASN A 223 -10.08 -16.61 -12.15
N THR A 224 -9.75 -15.33 -12.06
CA THR A 224 -8.51 -14.78 -12.58
C THR A 224 -7.44 -14.97 -11.51
N PRO A 225 -6.15 -15.12 -11.86
CA PRO A 225 -5.31 -15.35 -10.65
C PRO A 225 -5.24 -14.12 -9.67
N ALA A 226 -4.85 -14.36 -8.41
CA ALA A 226 -4.64 -13.31 -7.39
C ALA A 226 -3.71 -12.19 -7.89
N PRO A 227 -4.21 -10.93 -7.93
CA PRO A 227 -3.40 -9.82 -8.44
C PRO A 227 -2.32 -9.40 -7.38
N LEU A 228 -1.32 -8.64 -7.79
CA LEU A 228 -0.33 -8.07 -6.85
C LEU A 228 -0.98 -6.98 -5.93
N PRO A 229 -0.47 -6.77 -4.71
CA PRO A 229 -0.96 -5.59 -4.01
C PRO A 229 -0.79 -4.33 -4.87
N THR A 230 -1.49 -3.24 -4.52
CA THR A 230 -1.33 -1.91 -5.12
C THR A 230 0.14 -1.46 -5.00
N SER A 231 0.69 -0.88 -6.04
CA SER A 231 2.05 -0.37 -6.03
C SER A 231 2.04 1.20 -5.92
N CYS A 232 3.16 1.87 -6.05
CA CYS A 232 3.20 3.34 -5.83
C CYS A 232 3.62 3.92 -7.09
N ASN A 233 3.05 5.03 -7.48
CA ASN A 233 3.62 5.74 -8.59
C ASN A 233 4.39 6.96 -8.05
N PRO A 234 5.73 7.02 -8.31
CA PRO A 234 6.53 8.00 -7.61
C PRO A 234 5.99 9.41 -7.73
N SER A 235 5.40 9.79 -8.85
CA SER A 235 5.05 11.19 -9.02
C SER A 235 3.70 11.44 -8.35
N ASP A 236 3.05 10.42 -7.87
CA ASP A 236 1.88 10.65 -7.04
C ASP A 236 2.10 10.70 -5.55
N MET A 237 3.34 10.57 -5.10
CA MET A 237 3.59 10.46 -3.65
C MET A 237 3.89 11.88 -3.06
N SER A 238 3.65 12.03 -1.77
CA SER A 238 4.21 13.19 -1.07
C SER A 238 5.68 12.84 -0.76
N HIS A 239 6.55 13.76 -1.16
CA HIS A 239 7.95 13.63 -0.99
C HIS A 239 8.36 14.61 0.09
N GLY A 240 9.01 14.08 1.11
CA GLY A 240 9.56 14.87 2.25
C GLY A 240 11.07 14.90 2.32
N TYR A 241 11.59 16.00 2.88
CA TYR A 241 13.00 16.26 2.93
C TYR A 241 13.32 16.89 4.26
N VAL A 242 14.33 16.35 4.92
CA VAL A 242 14.70 16.86 6.27
C VAL A 242 16.19 16.91 6.29
N THR A 243 16.71 18.09 6.64
CA THR A 243 18.13 18.22 6.87
C THR A 243 18.48 17.80 8.28
N VAL A 244 19.31 16.77 8.40
CA VAL A 244 19.66 16.26 9.68
C VAL A 244 21.02 16.83 10.16
N LYS A 245 21.84 17.33 9.25
CA LYS A 245 23.05 18.12 9.60
C LYS A 245 23.53 18.81 8.35
N PRO A 246 24.52 19.74 8.44
CA PRO A 246 24.79 20.65 7.33
C PRO A 246 24.87 20.06 5.95
N ARG A 247 25.61 19.00 5.77
CA ARG A 247 25.60 18.49 4.37
C ARG A 247 24.69 17.24 4.19
N VAL A 248 23.78 16.95 5.12
CA VAL A 248 23.03 15.68 5.02
C VAL A 248 21.52 15.96 5.16
N ARG A 249 20.84 15.76 4.07
CA ARG A 249 19.41 15.83 4.06
C ARG A 249 18.82 14.45 3.64
N LEU A 250 17.76 13.99 4.31
CA LEU A 250 17.18 12.67 4.01
C LEU A 250 15.83 12.92 3.30
N HIS A 251 15.64 12.21 2.21
CA HIS A 251 14.39 12.19 1.49
C HIS A 251 13.57 10.99 1.93
N PHE A 252 12.22 11.13 1.93
CA PHE A 252 11.32 10.03 2.20
C PHE A 252 10.03 10.28 1.51
N VAL A 253 9.24 9.21 1.35
CA VAL A 253 7.92 9.25 0.80
C VAL A 253 6.97 8.96 1.95
N GLU A 254 5.81 9.60 1.97
CA GLU A 254 4.95 9.57 3.19
C GLU A 254 3.51 9.36 2.78
N LEU A 255 2.87 8.37 3.37
CA LEU A 255 1.47 8.06 3.02
C LEU A 255 0.77 7.51 4.22
N GLY A 256 -0.43 8.00 4.49
CA GLY A 256 -1.19 7.39 5.60
C GLY A 256 -1.25 8.25 6.85
N SER A 257 -2.15 7.88 7.78
CA SER A 257 -2.17 8.49 9.16
C SER A 257 -2.21 7.38 10.18
N GLY A 258 -1.90 7.70 11.44
CA GLY A 258 -1.90 6.74 12.51
C GLY A 258 -0.45 6.60 12.93
N PRO A 259 -0.09 5.50 13.60
CA PRO A 259 1.30 5.39 14.20
C PRO A 259 2.37 5.48 13.10
N ALA A 260 3.44 6.24 13.34
CA ALA A 260 4.54 6.45 12.38
C ALA A 260 5.29 5.08 12.17
N VAL A 261 5.47 4.69 10.90
CA VAL A 261 6.21 3.44 10.56
C VAL A 261 7.24 3.82 9.52
N CYS A 262 8.49 3.68 9.93
CA CYS A 262 9.65 4.10 9.14
C CYS A 262 10.32 2.87 8.46
N LEU A 263 10.25 2.84 7.16
CA LEU A 263 10.71 1.73 6.41
C LEU A 263 12.14 2.02 5.92
N CYS A 264 13.04 1.11 6.19
CA CYS A 264 14.42 1.30 5.88
C CYS A 264 14.95 0.22 4.94
N HIS A 265 15.28 0.62 3.72
CA HIS A 265 15.64 -0.33 2.62
C HIS A 265 17.07 -0.86 2.72
N GLY A 266 17.43 -1.86 1.86
CA GLY A 266 18.74 -2.49 1.93
C GLY A 266 19.63 -2.03 0.76
N PHE A 267 20.74 -2.74 0.56
CA PHE A 267 21.71 -2.40 -0.49
C PHE A 267 21.39 -3.29 -1.72
N PRO A 268 21.44 -2.75 -2.94
CA PRO A 268 21.60 -1.35 -3.26
C PRO A 268 20.23 -0.90 -3.69
N GLU A 269 19.43 -0.40 -2.74
CA GLU A 269 18.00 -0.24 -3.05
C GLU A 269 17.44 1.21 -3.04
N SER A 270 16.23 1.40 -2.50
CA SER A 270 15.49 2.67 -2.69
C SER A 270 14.25 2.64 -1.80
N TRP A 271 13.69 3.81 -1.52
CA TRP A 271 12.34 3.85 -0.93
C TRP A 271 11.36 3.01 -1.76
N TYR A 272 11.61 2.96 -3.08
CA TYR A 272 10.74 2.29 -4.02
C TYR A 272 10.74 0.80 -3.87
N SER A 273 11.73 0.28 -3.17
CA SER A 273 11.65 -1.13 -2.87
C SER A 273 10.51 -1.48 -1.96
N TRP A 274 9.90 -0.47 -1.32
CA TRP A 274 8.73 -0.75 -0.44
C TRP A 274 7.45 -0.44 -1.19
N ARG A 275 7.52 -0.32 -2.51
CA ARG A 275 6.34 0.18 -3.25
C ARG A 275 5.08 -0.64 -3.01
N TYR A 276 5.18 -1.95 -2.73
CA TYR A 276 3.97 -2.72 -2.46
C TYR A 276 3.54 -2.66 -1.01
N GLN A 277 4.43 -2.26 -0.14
CA GLN A 277 4.06 -2.21 1.28
C GLN A 277 3.39 -0.87 1.60
N ILE A 278 3.82 0.19 0.95
CA ILE A 278 3.41 1.56 1.34
C ILE A 278 1.89 1.76 1.31
N PRO A 279 1.22 1.49 0.18
CA PRO A 279 -0.28 1.61 0.24
C PRO A 279 -0.96 0.63 1.21
N ALA A 280 -0.49 -0.63 1.29
CA ALA A 280 -1.13 -1.59 2.17
C ALA A 280 -1.03 -1.13 3.65
N LEU A 281 0.18 -0.76 4.10
CA LEU A 281 0.34 -0.38 5.50
C LEU A 281 -0.42 0.94 5.76
N ALA A 282 -0.47 1.90 4.80
CA ALA A 282 -1.22 3.13 5.08
C ALA A 282 -2.70 2.73 5.20
N GLN A 283 -3.13 1.86 4.29
CA GLN A 283 -4.55 1.44 4.26
C GLN A 283 -4.91 0.69 5.56
N ALA A 284 -3.94 -0.05 6.12
CA ALA A 284 -4.14 -0.67 7.44
C ALA A 284 -4.15 0.25 8.65
N GLY A 285 -3.85 1.56 8.50
CA GLY A 285 -4.09 2.54 9.60
C GLY A 285 -2.73 3.07 10.15
N TYR A 286 -1.70 3.07 9.31
CA TYR A 286 -0.36 3.56 9.70
C TYR A 286 0.08 4.76 8.86
N ARG A 287 0.98 5.55 9.45
CA ARG A 287 1.57 6.73 8.76
C ARG A 287 2.90 6.19 8.27
N VAL A 288 3.03 5.98 6.96
CA VAL A 288 4.23 5.27 6.54
C VAL A 288 5.30 6.35 6.15
N LEU A 289 6.53 6.15 6.55
CA LEU A 289 7.64 7.01 6.05
C LEU A 289 8.67 6.07 5.38
N ALA A 290 8.73 6.10 4.04
CA ALA A 290 9.57 5.14 3.33
C ALA A 290 10.82 5.90 2.95
N MET A 291 11.94 5.55 3.53
CA MET A 291 13.13 6.43 3.40
C MET A 291 13.88 6.10 2.06
N ASP A 292 14.57 7.11 1.51
CA ASP A 292 15.88 6.88 0.83
C ASP A 292 16.93 6.92 1.94
N MET A 293 17.64 5.82 2.17
CA MET A 293 18.61 5.84 3.29
C MET A 293 19.78 6.73 2.83
N LYS A 294 20.60 7.19 3.75
CA LYS A 294 21.78 7.97 3.36
C LYS A 294 22.62 7.31 2.28
N GLY A 295 23.03 8.08 1.28
CA GLY A 295 23.78 7.47 0.13
C GLY A 295 22.95 7.11 -1.11
N TYR A 296 21.62 7.22 -1.02
CA TYR A 296 20.69 6.75 -2.05
C TYR A 296 19.70 7.79 -2.52
N GLY A 297 19.37 7.73 -3.83
CA GLY A 297 18.16 8.33 -4.35
C GLY A 297 18.31 9.85 -4.19
N GLU A 298 17.26 10.46 -3.60
CA GLU A 298 17.26 11.88 -3.34
C GLU A 298 17.82 12.26 -1.95
N SER A 299 18.34 11.28 -1.19
CA SER A 299 19.07 11.66 0.05
C SER A 299 20.52 11.98 -0.29
N SER A 300 21.17 12.71 0.60
CA SER A 300 22.57 13.14 0.41
C SER A 300 23.47 11.90 0.42
N ALA A 301 24.59 12.01 -0.29
CA ALA A 301 25.53 10.93 -0.42
C ALA A 301 26.94 11.49 -0.30
N PRO A 302 27.40 11.78 0.90
CA PRO A 302 28.78 12.28 1.02
C PRO A 302 29.69 11.13 0.76
N PRO A 303 30.92 11.44 0.26
CA PRO A 303 31.87 10.42 -0.14
C PRO A 303 32.58 9.72 0.99
N GLU A 304 32.63 10.30 2.16
CA GLU A 304 33.59 9.75 3.18
C GLU A 304 33.06 8.47 3.80
N ILE A 305 33.94 7.47 3.99
CA ILE A 305 33.53 6.17 4.44
C ILE A 305 32.83 6.21 5.79
N GLU A 306 33.38 6.96 6.72
CA GLU A 306 32.89 6.92 8.14
C GLU A 306 31.55 7.64 8.25
N GLU A 307 31.09 8.33 7.21
CA GLU A 307 29.74 8.93 7.27
C GLU A 307 28.68 7.81 7.24
N TYR A 308 29.11 6.56 6.99
CA TYR A 308 28.18 5.45 6.79
C TYR A 308 28.34 4.35 7.81
N CYS A 309 29.02 4.65 8.93
CA CYS A 309 29.10 3.69 10.05
C CYS A 309 27.71 3.70 10.76
N MET A 310 27.34 2.60 11.41
CA MET A 310 26.00 2.45 12.02
C MET A 310 25.75 3.57 13.06
N GLU A 311 26.77 3.87 13.89
CA GLU A 311 26.63 4.94 14.90
C GLU A 311 26.17 6.28 14.33
N VAL A 312 26.76 6.70 13.23
CA VAL A 312 26.44 7.96 12.57
C VAL A 312 25.05 7.87 11.91
N LEU A 313 24.81 6.76 11.21
CA LEU A 313 23.53 6.58 10.56
C LEU A 313 22.37 6.54 11.54
N CYS A 314 22.56 5.87 12.65
CA CYS A 314 21.49 5.77 13.64
C CYS A 314 21.25 7.14 14.28
N LYS A 315 22.32 7.89 14.60
CA LYS A 315 22.18 9.18 15.24
C LYS A 315 21.40 10.10 14.29
N GLU A 316 21.77 10.08 13.01
CA GLU A 316 20.97 10.77 11.98
C GLU A 316 19.46 10.40 11.93
N MET A 317 19.16 9.13 12.10
CA MET A 317 17.77 8.70 12.05
C MET A 317 17.05 9.26 13.29
N VAL A 318 17.74 9.37 14.44
CA VAL A 318 17.11 10.01 15.64
C VAL A 318 16.83 11.49 15.33
N THR A 319 17.83 12.17 14.79
CA THR A 319 17.62 13.57 14.38
C THR A 319 16.45 13.72 13.42
N PHE A 320 16.30 12.74 12.49
CA PHE A 320 15.22 12.79 11.53
C PHE A 320 13.86 12.78 12.29
N LEU A 321 13.73 11.90 13.26
CA LEU A 321 12.52 11.87 14.07
C LEU A 321 12.37 13.20 14.86
N ASP A 322 13.49 13.70 15.43
CA ASP A 322 13.43 14.98 16.21
C ASP A 322 12.92 16.10 15.29
N LYS A 323 13.46 16.22 14.10
CA LYS A 323 12.99 17.32 13.24
C LYS A 323 11.54 17.23 12.74
N LEU A 324 11.02 16.02 12.59
CA LEU A 324 9.64 15.75 12.23
C LEU A 324 8.68 15.88 13.39
N GLY A 325 9.27 16.01 14.57
CA GLY A 325 8.53 16.11 15.88
C GLY A 325 7.92 14.74 16.23
N LEU A 326 8.63 13.65 15.93
CA LEU A 326 8.12 12.33 16.27
C LEU A 326 8.85 11.81 17.49
N SER A 327 8.16 11.48 18.58
CA SER A 327 8.88 10.94 19.75
C SER A 327 9.29 9.48 19.53
N GLN A 328 8.49 8.72 18.77
CA GLN A 328 8.89 7.37 18.32
C GLN A 328 8.47 7.08 16.85
N ALA A 329 9.01 5.98 16.28
CA ALA A 329 8.44 5.33 15.11
C ALA A 329 8.65 3.85 15.31
N VAL A 330 7.78 3.04 14.71
CA VAL A 330 8.04 1.65 14.46
C VAL A 330 9.14 1.65 13.33
N PHE A 331 10.19 0.84 13.51
CA PHE A 331 11.26 0.80 12.53
C PHE A 331 11.25 -0.59 11.91
N ILE A 332 11.03 -0.61 10.61
CA ILE A 332 11.10 -1.88 9.86
C ILE A 332 12.22 -1.78 8.83
N GLY A 333 13.14 -2.74 8.88
CA GLY A 333 14.26 -2.69 7.92
C GLY A 333 14.43 -4.00 7.16
N HIS A 334 15.13 -3.91 6.01
CA HIS A 334 15.48 -5.08 5.19
C HIS A 334 16.98 -4.97 4.86
N ASP A 335 17.71 -6.08 5.01
CA ASP A 335 19.06 -6.10 4.61
C ASP A 335 19.88 -5.11 5.47
N TRP A 336 20.66 -4.21 4.85
CA TRP A 336 21.36 -3.13 5.67
C TRP A 336 20.43 -2.33 6.56
N GLY A 337 19.26 -2.00 6.03
CA GLY A 337 18.25 -1.33 6.86
C GLY A 337 17.76 -2.18 8.05
N GLY A 338 17.76 -3.52 7.91
CA GLY A 338 17.45 -4.40 9.03
C GLY A 338 18.51 -4.30 10.06
N MET A 339 19.76 -4.25 9.62
CA MET A 339 20.86 -4.14 10.61
C MET A 339 20.68 -2.83 11.40
N LEU A 340 20.39 -1.76 10.66
CA LEU A 340 20.20 -0.45 11.26
C LEU A 340 19.07 -0.47 12.32
N VAL A 341 17.90 -1.02 12.01
CA VAL A 341 16.81 -0.96 12.97
C VAL A 341 17.13 -1.76 14.25
N TRP A 342 17.88 -2.85 14.16
CA TRP A 342 18.29 -3.54 15.39
C TRP A 342 19.15 -2.64 16.25
N TYR A 343 20.11 -1.90 15.66
CA TYR A 343 20.92 -0.95 16.40
C TYR A 343 20.08 0.22 16.96
N MET A 344 19.10 0.73 16.19
CA MET A 344 18.15 1.66 16.79
C MET A 344 17.49 1.08 18.09
N ALA A 345 16.99 -0.13 18.04
CA ALA A 345 16.39 -0.74 19.21
C ALA A 345 17.36 -0.87 20.41
N LEU A 346 18.62 -1.17 20.16
CA LEU A 346 19.65 -1.33 21.24
C LEU A 346 20.19 -0.03 21.79
N PHE A 347 20.28 0.99 20.97
CA PHE A 347 20.82 2.27 21.41
C PHE A 347 19.80 3.36 21.63
N TYR A 348 18.63 3.24 21.01
CA TYR A 348 17.61 4.30 21.14
C TYR A 348 16.25 3.66 21.36
N PRO A 349 16.10 2.76 22.37
CA PRO A 349 14.76 2.09 22.47
C PRO A 349 13.64 3.04 22.82
N GLU A 350 13.95 4.15 23.48
CA GLU A 350 12.89 5.16 23.82
C GLU A 350 12.28 5.77 22.52
N ARG A 351 13.02 5.69 21.42
CA ARG A 351 12.52 6.25 20.13
C ARG A 351 11.92 5.21 19.19
N VAL A 352 12.00 3.93 19.57
CA VAL A 352 11.55 2.81 18.72
C VAL A 352 10.28 2.19 19.36
N ARG A 353 9.11 2.43 18.73
CA ARG A 353 7.88 1.91 19.26
C ARG A 353 7.90 0.38 19.17
N ALA A 354 8.49 -0.13 18.07
CA ALA A 354 8.67 -1.58 17.83
C ALA A 354 9.67 -1.73 16.66
N VAL A 355 10.22 -2.92 16.51
CA VAL A 355 11.24 -3.12 15.50
C VAL A 355 11.00 -4.41 14.73
N ALA A 356 11.14 -4.36 13.39
CA ALA A 356 11.02 -5.58 12.59
C ALA A 356 12.14 -5.56 11.55
N SER A 357 12.78 -6.72 11.35
CA SER A 357 13.72 -6.93 10.26
C SER A 357 13.25 -8.04 9.27
N LEU A 358 13.48 -7.80 7.98
CA LEU A 358 13.31 -8.79 6.94
C LEU A 358 14.72 -9.23 6.62
N ASN A 359 14.96 -10.52 6.81
CA ASN A 359 16.19 -11.24 6.35
C ASN A 359 17.35 -11.08 7.26
N THR A 360 17.65 -9.85 7.66
CA THR A 360 18.81 -9.56 8.51
C THR A 360 18.63 -10.01 9.98
N PRO A 361 19.48 -10.94 10.42
CA PRO A 361 19.33 -11.39 11.81
C PRO A 361 19.96 -10.44 12.80
N PHE A 362 19.64 -10.58 14.10
CA PHE A 362 20.42 -9.87 15.08
C PHE A 362 21.40 -10.85 15.70
N ILE A 363 22.68 -10.61 15.45
CA ILE A 363 23.79 -11.41 16.00
C ILE A 363 24.73 -10.49 16.75
N PRO A 364 24.79 -10.64 18.05
CA PRO A 364 25.71 -9.80 18.85
C PRO A 364 27.12 -9.83 18.34
N ALA A 365 27.89 -8.75 18.52
CA ALA A 365 29.23 -8.74 18.00
C ALA A 365 30.01 -9.73 18.84
N ASN A 366 30.95 -10.44 18.25
CA ASN A 366 31.86 -11.28 19.02
C ASN A 366 33.08 -10.47 19.50
N PRO A 367 33.21 -10.19 20.81
CA PRO A 367 34.30 -9.29 21.15
C PRO A 367 35.71 -9.93 20.99
N ASN A 368 35.77 -11.25 20.76
CA ASN A 368 37.03 -11.99 20.67
C ASN A 368 37.47 -12.33 19.27
N MET A 369 36.80 -11.78 18.27
CA MET A 369 37.18 -12.03 16.88
C MET A 369 36.92 -10.80 16.08
N SER A 370 37.85 -10.49 15.21
CA SER A 370 37.69 -9.30 14.41
C SER A 370 36.61 -9.59 13.40
N PRO A 371 35.79 -8.58 13.13
CA PRO A 371 34.69 -8.77 12.19
C PRO A 371 35.15 -9.22 10.79
N LEU A 372 36.27 -8.69 10.28
CA LEU A 372 36.81 -9.09 8.98
C LEU A 372 37.17 -10.60 8.95
N GLU A 373 37.70 -11.14 10.02
CA GLU A 373 37.87 -12.62 10.10
C GLU A 373 36.55 -13.40 10.19
N SER A 374 35.61 -12.90 10.99
CA SER A 374 34.26 -13.46 11.02
C SER A 374 33.79 -13.52 9.58
N ILE A 375 34.04 -12.44 8.84
CA ILE A 375 33.51 -12.36 7.46
C ILE A 375 34.19 -13.39 6.58
N LYS A 376 35.52 -13.48 6.68
CA LYS A 376 36.29 -14.48 5.92
C LYS A 376 35.87 -15.95 6.21
N ALA A 377 35.28 -16.21 7.38
CA ALA A 377 34.79 -17.54 7.74
C ALA A 377 33.51 -18.00 7.02
N ASN A 378 32.88 -17.15 6.24
CA ASN A 378 31.62 -17.58 5.60
C ASN A 378 31.76 -17.35 4.12
N PRO A 379 31.93 -18.43 3.32
CA PRO A 379 32.25 -18.28 1.88
C PRO A 379 31.23 -17.39 1.12
N VAL A 380 29.99 -17.34 1.60
CA VAL A 380 28.96 -16.58 0.88
C VAL A 380 29.11 -15.05 1.10
N PHE A 381 29.88 -14.62 2.13
CA PHE A 381 30.14 -13.19 2.34
C PHE A 381 31.42 -12.77 1.65
N ASP A 382 31.98 -13.65 0.83
CA ASP A 382 33.18 -13.24 0.02
C ASP A 382 32.91 -11.92 -0.74
N TYR A 383 31.69 -11.74 -1.25
CA TYR A 383 31.45 -10.49 -2.01
C TYR A 383 31.68 -9.25 -1.09
N GLN A 384 31.55 -9.43 0.23
CA GLN A 384 31.78 -8.29 1.16
C GLN A 384 33.27 -7.86 1.19
N LEU A 385 34.18 -8.82 1.03
CA LEU A 385 35.60 -8.47 0.89
C LEU A 385 35.82 -7.78 -0.42
N TYR A 386 35.13 -8.28 -1.45
CA TYR A 386 35.24 -7.65 -2.75
C TYR A 386 34.81 -6.17 -2.69
N PHE A 387 33.78 -5.85 -1.89
CA PHE A 387 33.34 -4.45 -1.71
C PHE A 387 34.29 -3.50 -0.93
N GLN A 388 35.37 -4.02 -0.30
CA GLN A 388 36.14 -3.21 0.66
C GLN A 388 36.92 -2.11 0.02
N GLU A 389 37.60 -2.46 -1.08
CA GLU A 389 38.56 -1.56 -1.73
C GLU A 389 37.90 -0.39 -2.48
N PRO A 390 38.11 0.86 -2.00
CA PRO A 390 37.30 1.90 -2.60
C PRO A 390 37.55 1.98 -4.09
N GLY A 391 36.48 1.90 -4.88
CA GLY A 391 36.50 2.19 -6.33
C GLY A 391 36.38 0.97 -7.19
N VAL A 392 36.70 -0.19 -6.64
CA VAL A 392 36.61 -1.38 -7.46
C VAL A 392 35.14 -1.77 -7.73
N ALA A 393 34.36 -2.03 -6.67
CA ALA A 393 32.99 -2.44 -6.93
C ALA A 393 32.28 -1.24 -7.55
N GLU A 394 32.67 0.00 -7.24
CA GLU A 394 31.90 1.16 -7.87
C GLU A 394 31.99 1.07 -9.41
N ALA A 395 33.21 0.82 -9.90
CA ALA A 395 33.42 0.76 -11.34
C ALA A 395 32.58 -0.36 -11.92
N GLU A 396 32.58 -1.55 -11.30
CA GLU A 396 31.76 -2.63 -11.91
C GLU A 396 30.25 -2.32 -11.79
N LEU A 397 29.83 -1.85 -10.64
CA LEU A 397 28.38 -1.66 -10.49
C LEU A 397 27.86 -0.47 -11.27
N GLU A 398 28.67 0.56 -11.44
CA GLU A 398 28.21 1.76 -12.25
C GLU A 398 28.38 1.59 -13.75
N GLN A 399 28.97 0.49 -14.20
CA GLN A 399 29.38 0.48 -15.58
C GLN A 399 28.17 0.40 -16.49
N ASN A 400 27.16 -0.34 -16.04
CA ASN A 400 25.95 -0.47 -16.81
C ASN A 400 24.82 -0.71 -15.80
N LEU A 401 24.09 0.34 -15.43
CA LEU A 401 23.14 0.26 -14.33
C LEU A 401 22.02 -0.70 -14.55
N SER A 402 21.49 -0.65 -15.76
CA SER A 402 20.44 -1.55 -16.15
C SER A 402 20.86 -3.01 -15.94
N ARG A 403 22.05 -3.37 -16.41
CA ARG A 403 22.51 -4.75 -16.26
C ARG A 403 22.71 -5.01 -14.74
N THR A 404 23.19 -4.00 -14.02
CA THR A 404 23.39 -4.19 -12.56
C THR A 404 22.07 -4.57 -11.86
N PHE A 405 21.01 -3.82 -12.08
CA PHE A 405 19.81 -4.12 -11.28
C PHE A 405 19.11 -5.33 -11.83
N LYS A 406 19.16 -5.46 -13.17
CA LYS A 406 18.59 -6.66 -13.70
C LYS A 406 19.29 -7.94 -13.21
N SER A 407 20.63 -7.92 -13.05
CA SER A 407 21.36 -9.11 -12.54
C SER A 407 21.13 -9.39 -11.04
N LEU A 408 20.99 -8.30 -10.25
CA LEU A 408 20.74 -8.42 -8.76
C LEU A 408 19.30 -8.84 -8.47
N PHE A 409 18.33 -8.08 -8.99
CA PHE A 409 16.91 -8.31 -8.61
C PHE A 409 16.24 -9.48 -9.33
N ARG A 410 16.36 -10.67 -8.74
CA ARG A 410 15.92 -11.93 -9.35
C ARG A 410 15.28 -12.77 -8.26
N ALA A 411 14.17 -13.46 -8.63
CA ALA A 411 13.49 -14.44 -7.77
C ALA A 411 14.36 -15.63 -7.63
N SER A 412 14.03 -16.48 -6.65
CA SER A 412 14.95 -17.57 -6.28
C SER A 412 15.21 -18.62 -7.38
N ASP A 413 14.22 -18.83 -8.23
CA ASP A 413 14.41 -19.72 -9.40
C ASP A 413 15.05 -19.06 -10.64
N GLU A 414 15.72 -17.91 -10.54
CA GLU A 414 16.11 -17.20 -11.77
C GLU A 414 17.57 -16.77 -11.78
N SER A 415 18.37 -17.27 -10.84
CA SER A 415 19.66 -16.63 -10.58
C SER A 415 20.69 -16.72 -11.67
N VAL A 416 21.50 -15.67 -11.78
CA VAL A 416 22.59 -15.59 -12.76
C VAL A 416 23.92 -15.35 -12.00
N LEU A 417 23.80 -15.00 -10.72
CA LEU A 417 24.94 -14.73 -9.84
C LEU A 417 25.07 -15.81 -8.78
N SER A 418 26.15 -16.56 -8.81
CA SER A 418 26.53 -17.21 -7.55
C SER A 418 27.27 -16.12 -6.80
N MET A 419 27.16 -16.12 -5.50
CA MET A 419 27.96 -15.21 -4.73
C MET A 419 29.29 -15.91 -4.43
N HIS A 420 29.76 -16.74 -5.36
CA HIS A 420 30.84 -17.66 -5.00
C HIS A 420 32.19 -17.25 -5.48
N LYS A 421 33.14 -17.12 -4.56
CA LYS A 421 34.47 -16.69 -4.92
C LYS A 421 34.49 -15.48 -5.90
N VAL A 422 33.86 -14.39 -5.44
CA VAL A 422 33.76 -13.13 -6.16
C VAL A 422 35.12 -12.43 -6.29
N CYS A 423 35.89 -12.39 -5.21
CA CYS A 423 37.22 -11.76 -5.30
C CYS A 423 38.07 -12.49 -6.38
N GLU A 424 38.14 -13.83 -6.26
CA GLU A 424 38.92 -14.68 -7.17
C GLU A 424 38.37 -14.52 -8.58
N ALA A 425 37.04 -14.52 -8.75
CA ALA A 425 36.43 -14.23 -10.07
C ALA A 425 36.78 -12.86 -10.61
N GLY A 426 37.10 -11.91 -9.76
CA GLY A 426 37.41 -10.60 -10.27
C GLY A 426 36.20 -9.68 -10.31
N GLY A 427 35.03 -10.20 -9.95
CA GLY A 427 33.85 -9.34 -9.82
C GLY A 427 32.54 -10.02 -9.64
N LEU A 428 31.48 -9.22 -9.42
CA LEU A 428 30.16 -9.79 -9.14
C LEU A 428 29.48 -10.40 -10.34
N PHE A 429 29.67 -9.74 -11.48
CA PHE A 429 28.95 -10.06 -12.72
C PHE A 429 29.86 -10.72 -13.76
N VAL A 430 31.07 -11.08 -13.38
CA VAL A 430 32.03 -11.62 -14.36
C VAL A 430 31.49 -12.80 -15.16
N ASN A 431 30.63 -13.58 -14.55
CA ASN A 431 30.06 -14.66 -15.31
C ASN A 431 28.57 -14.53 -15.42
N SER A 432 28.09 -13.30 -15.54
CA SER A 432 26.69 -13.08 -15.85
C SER A 432 26.54 -12.48 -17.23
N PRO A 433 25.37 -12.65 -17.84
CA PRO A 433 25.22 -12.18 -19.24
C PRO A 433 25.30 -10.67 -19.31
N GLU A 434 25.46 -10.15 -20.52
CA GLU A 434 25.52 -8.71 -20.79
C GLU A 434 24.16 -8.14 -20.69
N GLU A 435 23.22 -8.90 -21.21
CA GLU A 435 21.83 -8.50 -21.20
C GLU A 435 20.99 -9.58 -20.48
N PRO A 436 20.87 -9.49 -19.13
CA PRO A 436 20.03 -10.49 -18.45
C PRO A 436 18.58 -10.37 -18.93
N SER A 437 17.84 -11.48 -18.82
CA SER A 437 16.45 -11.43 -19.06
C SER A 437 15.85 -10.65 -17.88
N LEU A 438 14.60 -10.22 -18.05
CA LEU A 438 13.90 -9.47 -17.02
C LEU A 438 13.31 -10.42 -15.98
N SER A 439 13.55 -10.17 -14.72
CA SER A 439 12.92 -10.99 -13.72
C SER A 439 11.38 -10.88 -13.75
N ARG A 440 10.71 -11.97 -13.39
CA ARG A 440 9.26 -11.93 -13.18
C ARG A 440 8.91 -10.95 -12.10
N MET A 441 9.85 -10.66 -11.20
CA MET A 441 9.56 -9.74 -10.11
C MET A 441 9.43 -8.31 -10.51
N VAL A 442 10.08 -7.89 -11.60
CA VAL A 442 10.23 -6.44 -11.96
C VAL A 442 9.89 -6.12 -13.42
N THR A 443 9.30 -4.96 -13.68
CA THR A 443 9.06 -4.60 -15.07
C THR A 443 10.25 -3.82 -15.55
N GLU A 444 10.33 -3.58 -16.86
CA GLU A 444 11.46 -2.82 -17.40
C GLU A 444 11.33 -1.39 -16.90
N GLU A 445 10.10 -0.89 -16.72
CA GLU A 445 9.90 0.48 -16.15
C GLU A 445 10.43 0.61 -14.73
N GLU A 446 10.13 -0.38 -13.91
CA GLU A 446 10.62 -0.43 -12.52
C GLU A 446 12.16 -0.50 -12.45
N ILE A 447 12.80 -1.29 -13.31
CA ILE A 447 14.26 -1.26 -13.42
C ILE A 447 14.73 0.17 -13.75
N GLN A 448 14.16 0.81 -14.76
CA GLN A 448 14.65 2.15 -15.15
C GLN A 448 14.42 3.23 -14.03
N PHE A 449 13.45 3.01 -13.17
CA PHE A 449 13.37 3.86 -11.94
C PHE A 449 14.61 3.70 -11.06
N TYR A 450 14.98 2.47 -10.70
CA TYR A 450 16.26 2.29 -10.01
C TYR A 450 17.42 2.91 -10.79
N VAL A 451 17.46 2.65 -12.09
CA VAL A 451 18.63 3.12 -12.86
C VAL A 451 18.65 4.63 -12.72
N GLN A 452 17.50 5.30 -12.87
CA GLN A 452 17.52 6.80 -12.78
C GLN A 452 17.91 7.32 -11.39
N GLN A 453 17.38 6.70 -10.33
CA GLN A 453 17.85 7.05 -8.96
C GLN A 453 19.35 6.96 -8.83
N PHE A 454 19.94 5.87 -9.32
CA PHE A 454 21.36 5.68 -9.05
C PHE A 454 22.29 6.51 -10.00
N LYS A 455 21.72 7.10 -11.03
CA LYS A 455 22.48 8.09 -11.78
C LYS A 455 22.88 9.30 -10.96
N LYS A 456 22.13 9.61 -9.90
CA LYS A 456 22.47 10.84 -9.12
C LYS A 456 23.78 10.62 -8.37
N SER A 457 23.88 9.58 -7.56
CA SER A 457 25.10 9.50 -6.72
C SER A 457 25.93 8.23 -6.92
N GLY A 458 25.46 7.29 -7.75
CA GLY A 458 26.20 6.06 -8.01
C GLY A 458 26.34 5.22 -6.71
N PHE A 459 27.42 4.43 -6.64
CA PHE A 459 27.51 3.32 -5.70
C PHE A 459 28.45 3.62 -4.61
N ARG A 460 29.08 4.79 -4.59
CA ARG A 460 30.07 5.05 -3.49
C ARG A 460 29.45 5.05 -2.08
N GLY A 461 28.42 5.88 -1.91
CA GLY A 461 27.66 5.94 -0.63
C GLY A 461 27.10 4.58 -0.24
N PRO A 462 26.33 3.96 -1.14
CA PRO A 462 25.86 2.59 -0.87
C PRO A 462 26.94 1.58 -0.41
N LEU A 463 28.07 1.51 -1.13
CA LEU A 463 29.16 0.55 -0.80
C LEU A 463 29.76 0.92 0.50
N ASN A 464 29.81 2.21 0.79
CA ASN A 464 30.38 2.67 2.07
C ASN A 464 29.66 2.04 3.28
N TRP A 465 28.40 1.63 3.13
CA TRP A 465 27.72 0.96 4.24
C TRP A 465 28.46 -0.33 4.65
N TYR A 466 29.18 -0.94 3.67
CA TYR A 466 29.90 -2.19 3.90
C TYR A 466 31.33 -1.91 4.34
N ARG A 467 31.70 -0.65 4.42
CA ARG A 467 33.12 -0.34 4.65
C ARG A 467 33.40 0.13 6.08
N ASN A 468 32.53 -0.23 7.01
CA ASN A 468 32.71 0.25 8.41
C ASN A 468 32.66 -0.94 9.36
N MET A 469 33.11 -2.10 8.89
CA MET A 469 33.01 -3.33 9.71
C MET A 469 33.66 -3.18 11.08
N GLU A 470 34.91 -2.73 11.11
CA GLU A 470 35.60 -2.49 12.40
C GLU A 470 34.91 -1.41 13.28
N ARG A 471 34.52 -0.32 12.68
CA ARG A 471 33.92 0.76 13.44
C ARG A 471 32.55 0.30 14.01
N ASN A 472 31.77 -0.42 13.20
CA ASN A 472 30.46 -0.94 13.68
C ASN A 472 30.61 -1.98 14.81
N TRP A 473 31.59 -2.88 14.65
CA TRP A 473 31.96 -3.86 15.68
C TRP A 473 32.32 -3.19 17.04
N LYS A 474 33.24 -2.21 17.03
CA LYS A 474 33.58 -1.52 18.29
C LYS A 474 32.32 -0.88 18.93
N TRP A 475 31.46 -0.24 18.12
CA TRP A 475 30.27 0.39 18.70
C TRP A 475 29.37 -0.72 19.25
N ALA A 476 29.20 -1.81 18.50
CA ALA A 476 28.27 -2.87 18.93
C ALA A 476 28.72 -3.53 20.23
N CYS A 477 30.05 -3.61 20.46
CA CYS A 477 30.58 -4.24 21.64
C CYS A 477 30.11 -3.49 22.92
N LYS A 478 29.84 -2.17 22.80
CA LYS A 478 29.18 -1.40 23.92
C LYS A 478 27.85 -1.96 24.38
N SER A 479 27.22 -2.77 23.53
CA SER A 479 25.83 -3.14 23.79
C SER A 479 25.67 -4.55 24.18
N LEU A 480 26.78 -5.23 24.41
CA LEU A 480 26.77 -6.70 24.62
C LEU A 480 26.11 -7.05 25.91
N GLY A 481 26.08 -6.16 26.91
CA GLY A 481 25.24 -6.46 28.11
C GLY A 481 23.71 -6.27 28.00
N ARG A 482 23.20 -5.77 26.86
CA ARG A 482 21.76 -5.41 26.87
C ARG A 482 20.96 -6.53 26.25
N LYS A 483 19.65 -6.50 26.39
CA LYS A 483 18.78 -7.38 25.59
C LYS A 483 17.86 -6.42 24.87
N ILE A 484 17.21 -6.87 23.79
CA ILE A 484 16.11 -6.13 23.17
C ILE A 484 14.77 -6.60 23.74
N LEU A 485 14.06 -5.72 24.42
CA LEU A 485 12.93 -6.12 25.22
C LEU A 485 11.74 -5.28 24.77
N ILE A 486 11.91 -4.49 23.70
CA ILE A 486 10.70 -3.88 23.08
C ILE A 486 10.11 -4.86 22.04
N PRO A 487 8.86 -4.64 21.56
CA PRO A 487 8.27 -5.59 20.63
C PRO A 487 9.10 -5.70 19.33
N ALA A 488 9.33 -6.92 18.87
CA ALA A 488 10.35 -7.20 17.86
C ALA A 488 9.84 -8.35 17.02
N LEU A 489 10.06 -8.25 15.70
CA LEU A 489 9.69 -9.30 14.72
C LEU A 489 10.87 -9.61 13.82
N MET A 490 11.12 -10.89 13.57
CA MET A 490 12.17 -11.30 12.65
C MET A 490 11.51 -12.03 11.52
N VAL A 491 11.76 -11.65 10.25
CA VAL A 491 11.06 -12.34 9.14
C VAL A 491 12.14 -13.01 8.31
N THR A 492 12.12 -14.37 8.23
CA THR A 492 13.18 -15.06 7.52
C THR A 492 12.63 -15.36 6.12
N ALA A 493 13.54 -15.47 5.15
CA ALA A 493 13.23 -15.77 3.73
C ALA A 493 13.90 -17.10 3.35
N GLU A 494 13.09 -18.11 3.06
CA GLU A 494 13.63 -19.47 2.95
C GLU A 494 14.81 -19.55 1.96
N LYS A 495 14.71 -18.89 0.82
CA LYS A 495 15.70 -19.05 -0.26
C LYS A 495 16.63 -17.85 -0.41
N ASP A 496 16.69 -17.02 0.62
CA ASP A 496 17.79 -16.01 0.64
C ASP A 496 19.07 -16.81 0.99
N PHE A 497 19.99 -16.94 0.03
CA PHE A 497 21.15 -17.81 0.25
C PHE A 497 22.31 -17.03 0.75
N VAL A 498 22.14 -15.70 0.94
CA VAL A 498 23.17 -14.90 1.63
C VAL A 498 22.77 -14.71 3.12
N LEU A 499 21.57 -14.15 3.34
CA LEU A 499 21.08 -13.98 4.68
C LEU A 499 20.16 -15.14 5.02
N VAL A 500 20.75 -16.28 5.39
CA VAL A 500 19.95 -17.52 5.50
C VAL A 500 19.11 -17.57 6.74
N PRO A 501 17.94 -18.24 6.67
CA PRO A 501 17.09 -18.25 7.86
C PRO A 501 17.79 -18.78 9.10
N GLN A 502 18.64 -19.80 8.97
CA GLN A 502 19.31 -20.39 10.16
C GLN A 502 20.26 -19.47 10.92
N MET A 503 20.86 -18.49 10.22
CA MET A 503 21.62 -17.39 10.87
C MET A 503 20.81 -16.68 11.97
N SER A 504 19.47 -16.69 11.92
CA SER A 504 18.69 -16.05 12.97
C SER A 504 18.37 -16.94 14.21
N GLN A 505 18.91 -18.17 14.25
CA GLN A 505 18.34 -19.24 15.14
C GLN A 505 18.60 -19.00 16.58
N HIS A 506 19.62 -18.23 16.90
CA HIS A 506 19.85 -17.90 18.32
C HIS A 506 19.24 -16.60 18.83
N MET A 507 18.48 -15.91 17.97
CA MET A 507 18.10 -14.54 18.35
C MET A 507 17.31 -14.49 19.66
N GLU A 508 16.54 -15.54 19.99
CA GLU A 508 15.76 -15.47 21.28
C GLU A 508 16.63 -15.32 22.54
N ASP A 509 17.91 -15.67 22.46
CA ASP A 509 18.81 -15.46 23.63
C ASP A 509 18.96 -13.96 23.95
N TRP A 510 18.80 -13.12 22.92
CA TRP A 510 19.01 -11.68 23.05
C TRP A 510 17.71 -10.92 22.99
N ILE A 511 16.68 -11.57 22.45
CA ILE A 511 15.38 -10.92 22.21
C ILE A 511 14.36 -11.96 22.65
N PRO A 512 14.21 -12.15 23.99
CA PRO A 512 13.47 -13.38 24.43
C PRO A 512 11.99 -13.38 23.99
N HIS A 513 11.42 -12.20 23.83
CA HIS A 513 10.02 -12.20 23.35
C HIS A 513 9.82 -11.96 21.86
N LEU A 514 10.89 -12.06 21.09
CA LEU A 514 10.85 -12.02 19.60
C LEU A 514 9.65 -12.76 19.01
N LYS A 515 8.90 -12.13 18.11
CA LYS A 515 8.01 -12.83 17.21
C LYS A 515 8.66 -13.08 15.83
N ARG A 516 8.11 -14.04 15.09
CA ARG A 516 8.68 -14.46 13.81
C ARG A 516 7.66 -14.55 12.70
N GLY A 517 8.10 -14.34 11.48
CA GLY A 517 7.33 -14.80 10.32
C GLY A 517 8.34 -15.50 9.43
N HIS A 518 7.88 -16.35 8.53
CA HIS A 518 8.85 -17.03 7.63
C HIS A 518 8.18 -17.11 6.27
N ILE A 519 8.91 -16.80 5.21
CA ILE A 519 8.34 -16.78 3.91
C ILE A 519 9.05 -17.84 3.04
N GLU A 520 8.24 -18.80 2.59
CA GLU A 520 8.82 -19.92 1.79
C GLU A 520 8.98 -19.46 0.35
N ASP A 521 9.91 -20.06 -0.39
CA ASP A 521 10.07 -19.77 -1.83
C ASP A 521 10.35 -18.28 -2.06
N CYS A 522 11.07 -17.66 -1.13
CA CYS A 522 11.34 -16.22 -1.20
C CYS A 522 12.82 -16.02 -1.20
N GLY A 523 13.33 -15.35 -2.21
CA GLY A 523 14.73 -14.99 -2.18
C GLY A 523 15.14 -13.79 -1.31
N HIS A 524 16.32 -13.23 -1.63
CA HIS A 524 16.81 -12.02 -1.01
C HIS A 524 15.92 -10.74 -1.10
N TRP A 525 15.27 -10.48 -2.25
CA TRP A 525 14.55 -9.19 -2.50
C TRP A 525 13.12 -9.32 -2.00
N THR A 526 13.01 -9.55 -0.68
CA THR A 526 11.80 -10.04 -0.06
C THR A 526 10.52 -9.26 -0.41
N GLN A 527 10.62 -7.91 -0.41
CA GLN A 527 9.38 -7.09 -0.48
C GLN A 527 8.85 -7.26 -1.88
N MET A 528 9.73 -7.42 -2.84
CA MET A 528 9.24 -7.49 -4.21
C MET A 528 9.07 -8.93 -4.72
N ASP A 529 9.63 -9.89 -3.99
CA ASP A 529 9.53 -11.30 -4.35
C ASP A 529 8.16 -11.79 -3.90
N LYS A 530 7.82 -11.56 -2.63
CA LYS A 530 6.56 -12.01 -2.01
C LYS A 530 5.80 -10.88 -1.30
N PRO A 531 5.35 -9.91 -2.06
CA PRO A 531 4.83 -8.63 -1.48
C PRO A 531 3.56 -8.91 -0.67
N THR A 532 2.69 -9.77 -1.22
CA THR A 532 1.46 -10.20 -0.53
C THR A 532 1.73 -10.82 0.85
N GLU A 533 2.67 -11.73 0.88
CA GLU A 533 3.01 -12.36 2.17
C GLU A 533 3.66 -11.36 3.15
N VAL A 534 4.60 -10.57 2.67
CA VAL A 534 5.19 -9.51 3.52
C VAL A 534 4.10 -8.60 4.15
N ASN A 535 3.22 -8.09 3.31
CA ASN A 535 2.15 -7.21 3.79
C ASN A 535 1.35 -7.89 4.87
N GLN A 536 0.89 -9.13 4.59
CA GLN A 536 0.11 -9.83 5.61
C GLN A 536 0.87 -10.00 6.92
N ILE A 537 2.15 -10.40 6.84
CA ILE A 537 2.91 -10.62 8.08
C ILE A 537 3.15 -9.29 8.86
N LEU A 538 3.41 -8.19 8.15
CA LEU A 538 3.72 -6.93 8.85
C LEU A 538 2.49 -6.32 9.48
N ILE A 539 1.36 -6.40 8.77
CA ILE A 539 0.11 -5.75 9.26
C ILE A 539 -0.37 -6.60 10.49
N LYS A 540 -0.35 -7.94 10.39
CA LYS A 540 -0.72 -8.72 11.59
C LYS A 540 0.12 -8.33 12.82
N TRP A 541 1.44 -8.37 12.63
CA TRP A 541 2.35 -7.99 13.72
C TRP A 541 2.17 -6.52 14.16
N LEU A 542 2.06 -5.60 13.21
CA LEU A 542 1.76 -4.17 13.62
C LEU A 542 0.49 -4.06 14.53
N ASP A 543 -0.59 -4.67 14.08
CA ASP A 543 -1.89 -4.49 14.75
C ASP A 543 -1.87 -5.14 16.14
N SER A 544 -1.07 -6.17 16.33
CA SER A 544 -1.01 -6.81 17.64
C SER A 544 0.04 -6.19 18.56
N ASP A 545 1.17 -5.75 18.00
CA ASP A 545 2.34 -5.37 18.81
C ASP A 545 2.76 -3.90 18.78
N ALA A 546 2.23 -3.13 17.85
CA ALA A 546 2.65 -1.74 17.66
C ALA A 546 1.46 -0.81 17.86
N ARG A 547 0.42 -1.36 18.45
CA ARG A 547 -0.89 -0.76 18.45
C ARG A 547 -1.53 -0.88 19.83
MG MG B . -27.19 1.79 -6.71
C10 3C5 C . 22.50 -10.68 -3.77
C01 3C5 C . 23.31 -8.84 1.23
N02 3C5 C . 23.24 -7.38 1.04
C03 3C5 C . 22.71 -7.08 -0.30
C04 3C5 C . 23.33 -7.82 -1.47
C09 3C5 C . 22.66 -8.86 -2.07
C08 3C5 C . 23.21 -9.57 -3.14
C07 3C5 C . 24.46 -9.21 -3.61
C06 3C5 C . 25.17 -8.17 -3.01
C05 3C5 C . 24.59 -7.49 -1.94
C15 3C5 C . 21.79 -11.63 -3.03
N14 3C5 C . 21.21 -12.73 -3.54
C13 3C5 C . 21.29 -12.89 -4.88
C12 3C5 C . 21.92 -11.99 -5.70
C11 3C5 C . 22.54 -10.90 -5.13
#